data_3H4G
#
_entry.id   3H4G
#
_cell.length_a   67.301
_cell.length_b   67.301
_cell.length_c   244.741
_cell.angle_alpha   90.00
_cell.angle_beta   90.00
_cell.angle_gamma   120.00
#
_symmetry.space_group_name_H-M   'P 65 2 2'
#
loop_
_entity.id
_entity.type
_entity.pdbx_description
1 polymer 'Alcohol dehydrogenase [NADP+]'
2 non-polymer 'SULFATE ION'
3 non-polymer 'NADP NICOTINAMIDE-ADENINE-DINUCLEOTIDE PHOSPHATE'
4 non-polymer "(2S,4S)-2-AMINOFORMYL-6-FLUORO-SPIRO[CHROMAN-4,4'-IMIDAZOLIDINE]-2',5'-DIONE"
5 water water
#
_entity_poly.entity_id   1
_entity_poly.type   'polypeptide(L)'
_entity_poly.pdbx_seq_one_letter_code
;MAASCVLLHTGQKMPLIGLGTWKSEPGQVKAAIKYALTVGYRHIDCAAIYGNELEIGEALQETVGPGKAVPREELFVTSK
LWNTKHHPEDVEPALRKTLADLQLEYLDLYLMHWPYAFERGDNPFPKNADGTIRYDATHYKDTWKALEALVAKGLVRALG
LSNFSSRQIDDVLSVASVRPAVLQVECHPYLAQNELIAHCQARGLEVTAYSPLGSSDRAWRDPNEPVLLEEPVVQALAEK
YNRSPAQILLRWQVQRKVICIPKSVTPSRILQNIQVFDFTFSPEEMKQLDALNKNLRFIVPMLTVDGKRVPRDAGHPLYP
FNDPY
;
_entity_poly.pdbx_strand_id   A
#
loop_
_chem_comp.id
_chem_comp.type
_chem_comp.name
_chem_comp.formula
FID non-polymer (2S,4S)-2-AMINOFORMYL-6-FLUORO-SPIRO[CHROMAN-4,4'-IMIDAZOLIDINE]-2',5'-DIONE 'C12 H10 F N3 O4'
NAP non-polymer 'NADP NICOTINAMIDE-ADENINE-DINUCLEOTIDE PHOSPHATE' 'C21 H28 N7 O17 P3'
SO4 non-polymer 'SULFATE ION' 'O4 S -2'
#
# COMPACT_ATOMS: atom_id res chain seq x y z
N MET A 1 2.24 -20.51 2.64
N MET A 1 2.51 -18.85 1.63
CA MET A 1 2.60 -19.39 3.58
CA MET A 1 2.88 -19.51 2.91
C MET A 1 1.45 -19.11 4.54
C MET A 1 1.74 -19.46 3.92
N ALA A 2 1.64 -18.16 5.46
N ALA A 2 1.71 -18.41 4.74
CA ALA A 2 0.65 -17.89 6.50
CA ALA A 2 0.77 -18.33 5.87
C ALA A 2 -0.67 -17.36 5.94
C ALA A 2 -0.61 -17.75 5.52
N ALA A 3 -0.62 -16.60 4.85
CA ALA A 3 -1.84 -15.94 4.35
C ALA A 3 -2.52 -16.60 3.15
N SER A 4 -3.86 -16.48 3.10
CA SER A 4 -4.63 -16.78 1.88
C SER A 4 -4.38 -15.67 0.85
N CYS A 5 -4.69 -15.95 -0.40
CA CYS A 5 -4.43 -15.01 -1.50
C CYS A 5 -5.68 -14.63 -2.27
N VAL A 6 -5.57 -13.55 -3.03
CA VAL A 6 -6.57 -13.21 -4.05
C VAL A 6 -5.90 -13.27 -5.43
N LEU A 7 -6.68 -13.69 -6.42
CA LEU A 7 -6.16 -13.76 -7.78
C LEU A 7 -6.33 -12.42 -8.49
N LEU A 8 -5.21 -11.84 -8.91
CA LEU A 8 -5.24 -10.64 -9.74
C LEU A 8 -5.60 -11.04 -11.17
N HIS A 9 -6.05 -10.09 -11.98
CA HIS A 9 -6.46 -10.41 -13.36
C HIS A 9 -5.30 -10.91 -14.22
N THR A 10 -4.07 -10.67 -13.75
CA THR A 10 -2.86 -11.12 -14.43
C THR A 10 -2.61 -12.64 -14.26
N GLY A 11 -3.28 -13.25 -13.29
CA GLY A 11 -3.02 -14.64 -12.92
C GLY A 11 -2.13 -14.77 -11.70
N GLN A 12 -1.60 -13.64 -11.23
CA GLN A 12 -0.80 -13.62 -10.03
C GLN A 12 -1.67 -13.80 -8.80
N LYS A 13 -1.16 -14.54 -7.84
CA LYS A 13 -1.82 -14.64 -6.56
C LYS A 13 -1.18 -13.66 -5.61
N MET A 14 -1.98 -12.80 -5.06
CA MET A 14 -1.49 -11.77 -4.14
C MET A 14 -1.96 -12.08 -2.72
N PRO A 15 -1.02 -12.31 -1.78
CA PRO A 15 -1.42 -12.58 -0.38
C PRO A 15 -2.24 -11.46 0.23
N LEU A 16 -3.30 -11.84 0.95
CA LEU A 16 -4.26 -10.90 1.53
C LEU A 16 -3.69 -10.08 2.67
N ILE A 17 -2.57 -10.52 3.22
CA ILE A 17 -1.83 -9.76 4.23
C ILE A 17 -0.42 -9.58 3.70
N GLY A 18 0.06 -8.34 3.70
CA GLY A 18 1.46 -8.05 3.37
C GLY A 18 2.05 -7.17 4.47
N LEU A 19 3.38 -7.09 4.49
CA LEU A 19 4.08 -6.25 5.47
C LEU A 19 4.26 -4.82 4.95
N GLY A 20 3.65 -3.85 5.62
CA GLY A 20 3.86 -2.42 5.30
C GLY A 20 5.23 -2.00 5.82
N THR A 21 5.87 -1.05 5.15
CA THR A 21 7.25 -0.66 5.53
C THR A 21 7.48 0.85 5.67
N TRP A 22 6.43 1.66 5.56
CA TRP A 22 6.56 3.10 5.79
C TRP A 22 6.90 3.35 7.26
N LYS A 23 8.00 4.08 7.50
CA LYS A 23 8.48 4.38 8.86
C LYS A 23 9.24 3.22 9.53
N SER A 24 9.46 2.14 8.79
CA SER A 24 10.36 1.08 9.22
C SER A 24 11.76 1.51 8.82
N GLU A 25 12.54 1.96 9.79
CA GLU A 25 13.79 2.65 9.55
C GLU A 25 14.97 1.74 9.21
N PRO A 26 15.94 2.25 8.44
CA PRO A 26 17.23 1.56 8.35
C PRO A 26 17.76 1.41 9.76
N GLY A 27 18.24 0.21 10.09
CA GLY A 27 18.63 -0.12 11.45
C GLY A 27 17.62 -0.99 12.16
N GLN A 28 16.40 -1.09 11.61
CA GLN A 28 15.38 -2.03 12.14
C GLN A 28 14.63 -2.82 11.06
N VAL A 29 14.64 -2.33 9.81
CA VAL A 29 13.76 -2.90 8.78
C VAL A 29 14.23 -4.26 8.28
N LYS A 30 15.55 -4.47 8.23
CA LYS A 30 16.11 -5.77 7.84
C LYS A 30 15.56 -6.86 8.77
N ALA A 31 15.58 -6.61 10.07
CA ALA A 31 15.05 -7.56 11.05
C ALA A 31 13.55 -7.81 10.86
N ALA A 32 12.79 -6.75 10.59
CA ALA A 32 11.34 -6.87 10.40
C ALA A 32 11.04 -7.75 9.20
N ILE A 33 11.74 -7.50 8.10
CA ILE A 33 11.58 -8.28 6.86
C ILE A 33 11.90 -9.75 7.10
N LYS A 34 13.07 -10.01 7.69
CA LYS A 34 13.49 -11.38 7.98
C LYS A 34 12.52 -12.11 8.89
N TYR A 35 12.03 -11.45 9.94
CA TYR A 35 11.06 -12.07 10.85
C TYR A 35 9.78 -12.40 10.11
N ALA A 36 9.23 -11.41 9.40
CA ALA A 36 7.99 -11.59 8.64
C ALA A 36 8.09 -12.74 7.64
N LEU A 37 9.16 -12.78 6.85
CA LEU A 37 9.37 -13.87 5.88
C LEU A 37 9.42 -15.25 6.56
N THR A 38 10.12 -15.32 7.68
CA THR A 38 10.30 -16.57 8.42
CA THR A 38 10.29 -16.59 8.39
C THR A 38 8.98 -17.10 9.00
N VAL A 39 8.10 -16.19 9.46
CA VAL A 39 6.80 -16.60 10.00
C VAL A 39 5.71 -16.76 8.94
N GLY A 40 6.05 -16.52 7.68
CA GLY A 40 5.15 -16.88 6.58
C GLY A 40 4.59 -15.75 5.73
N TYR A 41 5.09 -14.53 5.92
CA TYR A 41 4.72 -13.44 5.01
C TYR A 41 5.31 -13.73 3.64
N ARG A 42 4.53 -13.47 2.59
CA ARG A 42 5.02 -13.64 1.21
C ARG A 42 4.65 -12.42 0.38
N HIS A 43 4.48 -11.29 1.05
CA HIS A 43 4.05 -10.06 0.41
C HIS A 43 4.66 -8.90 1.19
N ILE A 44 5.48 -8.10 0.51
CA ILE A 44 6.05 -6.90 1.14
C ILE A 44 5.65 -5.67 0.34
N ASP A 45 5.23 -4.62 1.05
CA ASP A 45 4.90 -3.35 0.42
C ASP A 45 6.00 -2.31 0.65
N CYS A 46 6.66 -1.91 -0.42
CA CYS A 46 7.77 -0.96 -0.38
C CYS A 46 7.46 0.32 -1.16
N ALA A 47 8.35 1.30 -1.05
CA ALA A 47 8.28 2.51 -1.85
C ALA A 47 9.62 3.21 -1.78
N ALA A 48 10.05 3.78 -2.90
CA ALA A 48 11.29 4.54 -2.94
C ALA A 48 11.28 5.65 -1.89
N ILE A 49 10.13 6.30 -1.72
CA ILE A 49 10.01 7.46 -0.83
C ILE A 49 10.23 7.11 0.66
N TYR A 50 10.08 5.83 1.02
CA TYR A 50 10.26 5.42 2.44
C TYR A 50 11.72 5.45 2.90
N GLY A 51 12.65 5.57 1.97
CA GLY A 51 14.08 5.75 2.30
C GLY A 51 14.71 4.52 2.93
N ASN A 52 14.14 3.35 2.67
CA ASN A 52 14.62 2.11 3.31
C ASN A 52 14.84 0.93 2.35
N GLU A 53 14.68 1.16 1.05
CA GLU A 53 14.75 0.07 0.06
C GLU A 53 16.13 -0.58 0.00
N LEU A 54 17.16 0.21 0.24
CA LEU A 54 18.52 -0.33 0.27
C LEU A 54 18.70 -1.38 1.38
N GLU A 55 18.12 -1.12 2.55
CA GLU A 55 18.20 -2.08 3.64
C GLU A 55 17.29 -3.29 3.40
N ILE A 56 16.06 -3.04 2.94
CA ILE A 56 15.16 -4.14 2.56
C ILE A 56 15.87 -5.07 1.57
N GLY A 57 16.61 -4.47 0.64
CA GLY A 57 17.39 -5.22 -0.36
C GLY A 57 18.43 -6.17 0.21
N GLU A 58 19.11 -5.74 1.27
CA GLU A 58 20.03 -6.60 2.01
C GLU A 58 19.31 -7.78 2.66
N ALA A 59 18.15 -7.51 3.27
CA ALA A 59 17.33 -8.59 3.84
C ALA A 59 16.90 -9.58 2.76
N LEU A 60 16.45 -9.07 1.62
CA LEU A 60 16.02 -9.95 0.54
C LEU A 60 17.14 -10.80 -0.03
N GLN A 61 18.32 -10.22 -0.21
CA GLN A 61 19.47 -10.94 -0.75
C GLN A 61 19.87 -12.11 0.14
N GLU A 62 19.75 -11.93 1.45
CA GLU A 62 20.16 -12.96 2.41
C GLU A 62 19.10 -14.06 2.57
N THR A 63 17.84 -13.75 2.24
CA THR A 63 16.72 -14.61 2.62
C THR A 63 15.96 -15.18 1.42
N VAL A 64 16.05 -14.52 0.27
CA VAL A 64 15.21 -14.83 -0.89
C VAL A 64 16.06 -15.13 -2.13
N GLY A 65 15.76 -16.25 -2.80
CA GLY A 65 16.46 -16.62 -4.02
C GLY A 65 17.00 -18.03 -3.99
N PRO A 66 17.68 -18.45 -5.08
CA PRO A 66 18.31 -19.78 -5.14
C PRO A 66 19.29 -19.98 -3.99
N GLY A 67 19.17 -21.11 -3.31
CA GLY A 67 20.04 -21.44 -2.18
C GLY A 67 19.71 -20.69 -0.91
N LYS A 68 18.59 -19.97 -0.90
CA LYS A 68 18.14 -19.22 0.28
C LYS A 68 16.82 -19.79 0.84
N ALA A 69 16.40 -19.24 1.98
CA ALA A 69 15.25 -19.76 2.74
C ALA A 69 13.90 -19.63 2.04
N VAL A 70 13.74 -18.61 1.19
CA VAL A 70 12.49 -18.36 0.44
C VAL A 70 12.78 -18.27 -1.08
N PRO A 71 12.07 -19.05 -1.92
CA PRO A 71 12.24 -18.87 -3.37
C PRO A 71 11.67 -17.54 -3.84
N ARG A 72 12.33 -16.89 -4.79
CA ARG A 72 11.87 -15.61 -5.34
C ARG A 72 10.44 -15.67 -5.88
N GLU A 73 10.14 -16.75 -6.58
CA GLU A 73 8.83 -16.93 -7.16
C GLU A 73 7.67 -17.00 -6.14
N GLU A 74 7.97 -17.35 -4.91
CA GLU A 74 6.94 -17.39 -3.85
C GLU A 74 6.73 -16.03 -3.12
N LEU A 75 7.58 -15.09 -3.44
CA LEU A 75 7.49 -13.76 -2.84
C LEU A 75 6.82 -12.73 -3.76
N PHE A 76 5.91 -11.94 -3.18
CA PHE A 76 5.26 -10.82 -3.89
C PHE A 76 5.83 -9.51 -3.37
N VAL A 77 6.50 -8.77 -4.25
CA VAL A 77 7.11 -7.50 -3.85
C VAL A 77 6.47 -6.38 -4.62
N THR A 78 5.93 -5.40 -3.89
CA THR A 78 5.37 -4.19 -4.45
C THR A 78 6.31 -3.02 -4.18
N SER A 79 6.55 -2.19 -5.19
CA SER A 79 7.10 -0.86 -4.93
C SER A 79 6.30 0.21 -5.67
N LYS A 80 6.71 1.47 -5.52
CA LYS A 80 5.93 2.58 -6.04
C LYS A 80 6.82 3.66 -6.64
N LEU A 81 6.32 4.25 -7.72
CA LEU A 81 6.99 5.34 -8.44
C LEU A 81 6.69 6.66 -7.75
N TRP A 82 7.73 7.37 -7.31
CA TRP A 82 7.51 8.63 -6.59
C TRP A 82 7.14 9.81 -7.51
N ASN A 83 6.51 10.83 -6.91
CA ASN A 83 5.93 11.99 -7.61
C ASN A 83 6.87 12.79 -8.49
N THR A 84 8.14 12.85 -8.12
CA THR A 84 9.16 13.55 -8.91
C THR A 84 9.60 12.75 -10.15
N LYS A 85 9.04 11.55 -10.30
CA LYS A 85 9.49 10.65 -11.36
C LYS A 85 8.42 10.35 -12.41
N HIS A 86 7.46 11.27 -12.54
CA HIS A 86 6.34 11.09 -13.48
C HIS A 86 6.68 11.33 -14.94
N HIS A 87 7.74 12.08 -15.22
CA HIS A 87 8.10 12.28 -16.62
C HIS A 87 8.48 10.95 -17.27
N PRO A 88 7.92 10.65 -18.45
CA PRO A 88 8.24 9.39 -19.13
C PRO A 88 9.72 9.00 -19.16
N GLU A 89 10.62 9.95 -19.36
CA GLU A 89 12.05 9.63 -19.43
C GLU A 89 12.64 9.23 -18.07
N ASP A 90 11.95 9.60 -16.98
CA ASP A 90 12.43 9.31 -15.62
C ASP A 90 11.88 8.01 -15.03
N VAL A 91 10.86 7.43 -15.68
CA VAL A 91 10.19 6.26 -15.14
C VAL A 91 11.11 5.04 -15.05
N GLU A 92 11.74 4.67 -16.17
CA GLU A 92 12.65 3.52 -16.16
C GLU A 92 13.85 3.68 -15.20
N PRO A 93 14.53 4.85 -15.20
CA PRO A 93 15.62 5.05 -14.24
C PRO A 93 15.17 4.90 -12.79
N ALA A 94 13.97 5.39 -12.49
CA ALA A 94 13.39 5.28 -11.16
C ALA A 94 13.16 3.82 -10.76
N LEU A 95 12.55 3.04 -11.64
CA LEU A 95 12.35 1.61 -11.35
C LEU A 95 13.69 0.88 -11.19
N ARG A 96 14.62 1.16 -12.11
CA ARG A 96 15.93 0.50 -12.08
C ARG A 96 16.70 0.77 -10.80
N LYS A 97 16.56 1.98 -10.26
CA LYS A 97 17.15 2.33 -8.96
C LYS A 97 16.50 1.50 -7.84
N THR A 98 15.17 1.42 -7.88
CA THR A 98 14.42 0.61 -6.92
C THR A 98 14.87 -0.86 -6.99
N LEU A 99 14.95 -1.40 -8.20
CA LEU A 99 15.40 -2.79 -8.37
C LEU A 99 16.82 -3.02 -7.85
N ALA A 100 17.71 -2.03 -8.07
CA ALA A 100 19.09 -2.13 -7.59
C ALA A 100 19.15 -2.07 -6.07
N ASP A 101 18.40 -1.14 -5.47
CA ASP A 101 18.31 -1.03 -4.02
C ASP A 101 17.76 -2.31 -3.40
N LEU A 102 16.68 -2.82 -3.99
CA LEU A 102 16.02 -4.02 -3.48
C LEU A 102 16.79 -5.30 -3.85
N GLN A 103 17.79 -5.16 -4.71
CA GLN A 103 18.61 -6.28 -5.20
C GLN A 103 17.75 -7.34 -5.88
N LEU A 104 16.77 -6.88 -6.66
CA LEU A 104 15.85 -7.77 -7.37
C LEU A 104 15.99 -7.57 -8.88
N GLU A 105 15.45 -8.53 -9.63
CA GLU A 105 15.55 -8.43 -11.09
C GLU A 105 14.29 -7.69 -11.58
N TYR A 106 13.21 -8.01 -10.90
CA TYR A 106 11.91 -7.58 -11.31
C TYR A 106 11.00 -7.34 -10.08
N LEU A 107 9.94 -6.56 -10.26
CA LEU A 107 8.92 -6.39 -9.22
C LEU A 107 7.66 -7.13 -9.60
N ASP A 108 6.93 -7.62 -8.61
CA ASP A 108 5.63 -8.24 -8.87
C ASP A 108 4.58 -7.19 -9.20
N LEU A 109 4.69 -6.02 -8.57
CA LEU A 109 3.73 -4.95 -8.74
C LEU A 109 4.41 -3.60 -8.57
N TYR A 110 4.12 -2.67 -9.49
CA TYR A 110 4.67 -1.31 -9.42
C TYR A 110 3.52 -0.34 -9.54
N LEU A 111 3.38 0.52 -8.52
CA LEU A 111 2.28 1.47 -8.43
C LEU A 111 2.73 2.90 -8.71
N MET A 112 1.88 3.69 -9.37
CA MET A 112 2.08 5.13 -9.37
C MET A 112 1.61 5.63 -7.99
N HIS A 113 2.52 6.24 -7.23
CA HIS A 113 2.27 6.51 -5.81
C HIS A 113 1.12 7.52 -5.60
N TRP A 114 1.11 8.57 -6.41
CA TRP A 114 0.08 9.60 -6.37
C TRP A 114 -0.23 9.98 -7.82
N PRO A 115 -1.46 10.47 -8.10
CA PRO A 115 -1.79 10.87 -9.48
C PRO A 115 -1.14 12.17 -9.95
N TYR A 116 -0.64 12.99 -9.03
CA TYR A 116 -0.05 14.28 -9.41
C TYR A 116 1.47 14.27 -9.28
N ALA A 117 2.12 15.10 -10.10
CA ALA A 117 3.57 15.13 -10.20
C ALA A 117 4.21 16.31 -9.47
N PHE A 118 5.43 16.07 -8.99
CA PHE A 118 6.31 17.09 -8.43
C PHE A 118 7.42 17.39 -9.43
N GLU A 119 8.03 18.57 -9.30
CA GLU A 119 9.16 18.98 -10.13
C GLU A 119 10.23 17.89 -10.23
N ARG A 120 10.70 17.68 -11.46
CA ARG A 120 11.76 16.69 -11.73
C ARG A 120 13.03 17.08 -11.01
N GLY A 121 13.80 16.08 -10.59
CA GLY A 121 15.08 16.31 -9.92
C GLY A 121 15.35 15.29 -8.83
N ASP A 122 16.35 15.56 -8.00
CA ASP A 122 16.72 14.64 -6.93
C ASP A 122 16.25 15.06 -5.53
N ASN A 123 15.43 16.10 -5.47
CA ASN A 123 14.74 16.46 -4.24
C ASN A 123 13.33 15.84 -4.26
N PRO A 124 13.05 14.88 -3.36
CA PRO A 124 11.73 14.22 -3.33
C PRO A 124 10.58 15.16 -3.00
N PHE A 125 10.89 16.25 -2.31
CA PHE A 125 9.88 17.26 -2.00
C PHE A 125 10.39 18.64 -2.40
N PRO A 126 10.38 18.95 -3.71
CA PRO A 126 10.88 20.22 -4.20
C PRO A 126 9.93 21.34 -3.78
N LYS A 127 10.46 22.38 -3.14
CA LYS A 127 9.56 23.39 -2.60
C LYS A 127 10.07 24.82 -2.68
N ASN A 128 9.15 25.76 -2.46
CA ASN A 128 9.46 27.19 -2.47
C ASN A 128 9.81 27.67 -1.07
N ALA A 129 10.28 28.91 -0.96
CA ALA A 129 10.71 29.48 0.33
C ALA A 129 9.60 29.60 1.37
N ASP A 130 8.37 29.44 0.92
CA ASP A 130 7.18 29.43 1.72
C ASP A 130 6.78 28.05 2.21
N GLY A 131 7.34 27.08 1.54
CA GLY A 131 7.22 25.68 1.95
C GLY A 131 6.26 24.93 1.08
N THR A 132 5.62 25.66 0.18
CA THR A 132 4.71 25.06 -0.79
C THR A 132 5.51 24.28 -1.83
N ILE A 133 4.89 23.23 -2.37
CA ILE A 133 5.56 22.33 -3.31
C ILE A 133 5.67 22.94 -4.70
N ARG A 134 6.79 22.68 -5.37
CA ARG A 134 6.93 22.95 -6.78
C ARG A 134 6.36 21.75 -7.57
N TYR A 135 5.18 21.95 -8.15
CA TYR A 135 4.52 20.87 -8.91
C TYR A 135 5.00 20.78 -10.36
N ASP A 136 4.66 19.66 -11.00
CA ASP A 136 4.93 19.44 -12.40
C ASP A 136 3.61 19.03 -13.03
N ALA A 137 3.38 19.39 -14.28
CA ALA A 137 2.07 19.15 -14.90
C ALA A 137 1.99 17.89 -15.75
N THR A 138 2.98 17.01 -15.63
CA THR A 138 2.93 15.74 -16.35
C THR A 138 1.63 15.04 -15.99
N HIS A 139 0.86 14.65 -17.01
CA HIS A 139 -0.40 13.98 -16.77
C HIS A 139 -0.15 12.50 -16.48
N TYR A 140 -0.96 11.92 -15.59
CA TYR A 140 -0.80 10.51 -15.22
C TYR A 140 -1.03 9.54 -16.38
N LYS A 141 -1.77 9.95 -17.39
CA LYS A 141 -1.95 9.10 -18.58
C LYS A 141 -0.65 8.94 -19.35
N ASP A 142 0.17 10.01 -19.37
CA ASP A 142 1.48 9.98 -19.97
C ASP A 142 2.43 9.09 -19.17
N THR A 143 2.36 9.20 -17.85
CA THR A 143 3.18 8.37 -16.97
C THR A 143 2.81 6.89 -17.11
N TRP A 144 1.50 6.62 -17.21
CA TRP A 144 1.01 5.25 -17.35
C TRP A 144 1.61 4.53 -18.54
N LYS A 145 1.65 5.19 -19.70
CA LYS A 145 2.20 4.57 -20.92
C LYS A 145 3.70 4.29 -20.79
N ALA A 146 4.39 5.15 -20.05
CA ALA A 146 5.79 4.92 -19.69
C ALA A 146 5.94 3.69 -18.80
N LEU A 147 5.06 3.57 -17.80
CA LEU A 147 5.04 2.40 -16.92
C LEU A 147 4.77 1.11 -17.70
N GLU A 148 3.95 1.18 -18.74
CA GLU A 148 3.64 -0.02 -19.54
C GLU A 148 4.87 -0.59 -20.25
N ALA A 149 5.78 0.30 -20.66
CA ALA A 149 7.03 -0.12 -21.29
C ALA A 149 7.91 -0.96 -20.36
N LEU A 150 7.76 -0.78 -19.05
CA LEU A 150 8.52 -1.55 -18.06
C LEU A 150 8.09 -3.02 -18.01
N VAL A 151 6.82 -3.28 -18.28
CA VAL A 151 6.28 -4.63 -18.33
C VAL A 151 6.84 -5.36 -19.56
N ALA A 152 6.89 -4.64 -20.68
CA ALA A 152 7.48 -5.18 -21.90
C ALA A 152 8.97 -5.50 -21.75
N LYS A 153 9.63 -4.81 -20.83
CA LYS A 153 11.05 -5.03 -20.57
C LYS A 153 11.30 -6.13 -19.52
N GLY A 154 10.23 -6.73 -19.01
CA GLY A 154 10.34 -7.80 -18.01
C GLY A 154 10.79 -7.34 -16.64
N LEU A 155 10.63 -6.06 -16.36
CA LEU A 155 11.10 -5.46 -15.12
C LEU A 155 10.04 -5.46 -14.03
N VAL A 156 8.79 -5.49 -14.47
CA VAL A 156 7.63 -5.48 -13.56
CA VAL A 156 7.65 -5.52 -13.55
C VAL A 156 6.56 -6.39 -14.15
N ARG A 157 5.92 -7.19 -13.29
CA ARG A 157 4.89 -8.12 -13.71
C ARG A 157 3.51 -7.50 -13.87
N ALA A 158 3.18 -6.60 -12.94
CA ALA A 158 1.87 -5.97 -12.89
C ALA A 158 2.02 -4.51 -12.51
N LEU A 159 1.08 -3.70 -12.98
CA LEU A 159 1.06 -2.30 -12.66
C LEU A 159 -0.17 -1.98 -11.84
N GLY A 160 -0.11 -0.91 -11.07
CA GLY A 160 -1.28 -0.48 -10.35
C GLY A 160 -1.26 0.97 -9.99
N LEU A 161 -2.27 1.36 -9.22
CA LEU A 161 -2.51 2.75 -8.89
C LEU A 161 -2.61 2.90 -7.39
N SER A 162 -2.13 4.03 -6.89
CA SER A 162 -2.21 4.32 -5.48
C SER A 162 -2.80 5.73 -5.36
N ASN A 163 -3.82 5.89 -4.51
CA ASN A 163 -4.42 7.20 -4.27
C ASN A 163 -5.08 7.80 -5.50
N PHE A 164 -5.70 6.98 -6.34
CA PHE A 164 -6.45 7.48 -7.48
C PHE A 164 -7.93 7.44 -7.12
N SER A 165 -8.68 8.43 -7.61
CA SER A 165 -10.13 8.46 -7.46
C SER A 165 -10.76 7.61 -8.56
N SER A 166 -12.07 7.37 -8.45
CA SER A 166 -12.78 6.56 -9.45
C SER A 166 -12.70 7.18 -10.85
N ARG A 167 -12.82 8.51 -10.93
CA ARG A 167 -12.69 9.24 -12.20
C ARG A 167 -11.30 9.08 -12.82
N GLN A 168 -10.27 9.18 -11.98
CA GLN A 168 -8.90 9.04 -12.43
C GLN A 168 -8.59 7.60 -12.89
N ILE A 169 -9.11 6.63 -12.16
CA ILE A 169 -9.00 5.22 -12.57
C ILE A 169 -9.63 5.03 -13.95
N ASP A 170 -10.84 5.54 -14.13
CA ASP A 170 -11.55 5.43 -15.40
C ASP A 170 -10.75 6.08 -16.53
N ASP A 171 -10.10 7.20 -16.20
CA ASP A 171 -9.25 7.93 -17.13
C ASP A 171 -8.05 7.08 -17.56
N VAL A 172 -7.35 6.47 -16.61
CA VAL A 172 -6.26 5.52 -16.92
C VAL A 172 -6.75 4.37 -17.80
N LEU A 173 -7.89 3.79 -17.45
CA LEU A 173 -8.42 2.64 -18.22
C LEU A 173 -8.77 2.98 -19.67
N SER A 174 -9.07 4.25 -19.94
CA SER A 174 -9.34 4.71 -21.31
C SER A 174 -8.11 4.67 -22.23
N VAL A 175 -6.91 4.62 -21.66
CA VAL A 175 -5.67 4.56 -22.46
C VAL A 175 -4.81 3.32 -22.17
N ALA A 176 -5.24 2.49 -21.22
CA ALA A 176 -4.41 1.39 -20.73
C ALA A 176 -4.33 0.20 -21.70
N SER A 177 -3.12 -0.11 -22.15
CA SER A 177 -2.85 -1.32 -22.94
C SER A 177 -2.57 -2.47 -21.99
N VAL A 178 -1.92 -2.13 -20.87
CA VAL A 178 -1.77 -3.02 -19.73
C VAL A 178 -2.69 -2.48 -18.62
N ARG A 179 -3.66 -3.29 -18.23
CA ARG A 179 -4.68 -2.86 -17.27
C ARG A 179 -4.08 -2.83 -15.86
N PRO A 180 -4.40 -1.79 -15.07
CA PRO A 180 -3.94 -1.79 -13.67
C PRO A 180 -4.58 -2.99 -12.94
N ALA A 181 -3.78 -3.68 -12.13
CA ALA A 181 -4.26 -4.87 -11.42
C ALA A 181 -4.76 -4.58 -10.02
N VAL A 182 -4.28 -3.47 -9.46
CA VAL A 182 -4.49 -3.17 -8.03
C VAL A 182 -4.71 -1.67 -7.82
N LEU A 183 -5.62 -1.33 -6.93
CA LEU A 183 -5.70 0.03 -6.39
C LEU A 183 -5.35 -0.01 -4.90
N GLN A 184 -4.39 0.83 -4.50
CA GLN A 184 -4.00 0.91 -3.10
C GLN A 184 -4.46 2.24 -2.54
N VAL A 185 -5.34 2.18 -1.54
CA VAL A 185 -5.91 3.38 -0.90
C VAL A 185 -6.07 3.18 0.60
N GLU A 186 -6.14 4.29 1.36
CA GLU A 186 -6.47 4.24 2.78
C GLU A 186 -7.83 3.59 2.95
N CYS A 187 -7.92 2.61 3.85
CA CYS A 187 -9.18 1.89 4.06
C CYS A 187 -9.21 1.17 5.41
N HIS A 188 -10.31 1.36 6.12
CA HIS A 188 -10.52 0.80 7.46
C HIS A 188 -11.97 1.14 7.82
N PRO A 189 -12.49 0.61 8.95
CA PRO A 189 -13.89 0.88 9.28
C PRO A 189 -14.35 2.35 9.32
N TYR A 190 -13.45 3.30 9.56
CA TYR A 190 -13.82 4.72 9.52
C TYR A 190 -13.88 5.31 8.11
N LEU A 191 -13.13 4.70 7.18
CA LEU A 191 -13.12 5.12 5.79
C LEU A 191 -13.27 3.85 4.94
N ALA A 192 -14.50 3.34 4.87
CA ALA A 192 -14.79 2.00 4.34
C ALA A 192 -14.58 1.84 2.85
N GLN A 193 -14.60 2.97 2.13
CA GLN A 193 -14.35 3.00 0.68
C GLN A 193 -15.28 2.09 -0.09
N ASN A 194 -16.51 1.95 0.38
CA ASN A 194 -17.44 1.01 -0.22
C ASN A 194 -17.69 1.23 -1.72
N GLU A 195 -17.87 2.45 -2.10
CA GLU A 195 -18.19 2.76 -3.44
C GLU A 195 -16.97 2.61 -4.37
N LEU A 196 -15.83 3.07 -3.89
CA LEU A 196 -14.59 2.89 -4.65
C LEU A 196 -14.25 1.41 -4.84
N ILE A 197 -14.43 0.60 -3.81
CA ILE A 197 -14.18 -0.83 -3.91
C ILE A 197 -15.10 -1.46 -4.96
N ALA A 198 -16.39 -1.18 -4.88
CA ALA A 198 -17.35 -1.67 -5.88
C ALA A 198 -16.94 -1.23 -7.29
N HIS A 199 -16.44 -0.01 -7.42
CA HIS A 199 -15.98 0.54 -8.70
C HIS A 199 -14.81 -0.30 -9.24
N CYS A 200 -13.82 -0.56 -8.39
CA CYS A 200 -12.68 -1.41 -8.76
C CYS A 200 -13.09 -2.82 -9.13
N GLN A 201 -14.02 -3.40 -8.37
CA GLN A 201 -14.53 -4.73 -8.64
C GLN A 201 -15.14 -4.84 -10.04
N ALA A 202 -15.93 -3.83 -10.43
CA ALA A 202 -16.51 -3.76 -11.78
C ALA A 202 -15.44 -3.71 -12.88
N ARG A 203 -14.27 -3.15 -12.57
CA ARG A 203 -13.25 -2.95 -13.59
C ARG A 203 -12.07 -3.91 -13.47
N GLY A 204 -12.18 -4.85 -12.54
CA GLY A 204 -11.20 -5.92 -12.41
C GLY A 204 -9.95 -5.59 -11.61
N LEU A 205 -9.98 -4.51 -10.85
CA LEU A 205 -8.87 -4.15 -9.97
C LEU A 205 -9.11 -4.71 -8.56
N GLU A 206 -8.10 -5.34 -7.98
CA GLU A 206 -8.21 -5.72 -6.57
C GLU A 206 -7.80 -4.51 -5.73
N VAL A 207 -8.29 -4.44 -4.50
CA VAL A 207 -8.02 -3.27 -3.64
C VAL A 207 -7.15 -3.67 -2.47
N THR A 208 -6.10 -2.88 -2.24
CA THR A 208 -5.27 -3.03 -1.06
C THR A 208 -5.55 -1.86 -0.12
N ALA A 209 -5.87 -2.19 1.13
CA ALA A 209 -6.08 -1.19 2.17
C ALA A 209 -4.75 -0.80 2.78
N TYR A 210 -4.35 0.45 2.59
CA TYR A 210 -3.26 0.98 3.40
C TYR A 210 -3.77 1.63 4.67
N SER A 211 -2.85 1.84 5.61
CA SER A 211 -3.20 2.29 6.97
C SER A 211 -4.42 1.56 7.56
N PRO A 212 -4.44 0.21 7.47
CA PRO A 212 -5.62 -0.54 7.89
C PRO A 212 -5.84 -0.56 9.41
N LEU A 213 -4.80 -0.17 10.16
CA LEU A 213 -4.90 -0.06 11.62
C LEU A 213 -4.99 1.40 12.06
N GLY A 214 -5.26 2.29 11.11
CA GLY A 214 -5.43 3.71 11.41
C GLY A 214 -4.14 4.51 11.55
N SER A 215 -3.01 3.89 11.23
CA SER A 215 -1.70 4.55 11.22
C SER A 215 -1.48 5.38 12.51
N SER A 216 -1.62 4.74 13.67
CA SER A 216 -1.37 5.43 14.94
C SER A 216 0.08 5.90 15.02
N ASP A 217 0.87 5.42 14.06
CA ASP A 217 2.29 5.73 13.89
C ASP A 217 2.52 7.19 13.43
N ARG A 218 1.51 7.78 12.81
CA ARG A 218 1.65 9.05 12.07
C ARG A 218 1.94 10.27 12.96
N ALA A 219 2.70 11.23 12.41
CA ALA A 219 3.32 12.29 13.20
C ALA A 219 2.49 13.56 13.41
N TRP A 220 1.33 13.61 12.80
CA TRP A 220 0.46 14.74 12.81
CA TRP A 220 0.50 14.80 12.86
C TRP A 220 -0.93 14.55 13.31
N ARG A 221 -1.11 13.84 14.40
CA ARG A 221 -2.42 13.42 14.92
C ARG A 221 -3.20 14.56 15.58
N ASP A 222 -4.47 14.68 15.20
CA ASP A 222 -5.39 15.58 15.87
C ASP A 222 -5.88 14.90 17.15
N PRO A 223 -5.47 15.44 18.31
CA PRO A 223 -5.80 14.82 19.59
C PRO A 223 -7.30 14.67 19.74
N ASN A 224 -8.06 15.45 18.97
CA ASN A 224 -9.52 15.41 19.04
C ASN A 224 -10.14 14.25 18.27
N GLU A 225 -9.38 13.71 17.30
CA GLU A 225 -9.89 12.64 16.44
C GLU A 225 -9.82 11.26 17.11
N PRO A 226 -10.85 10.42 16.86
CA PRO A 226 -10.89 9.09 17.47
C PRO A 226 -9.74 8.20 17.01
N VAL A 227 -9.35 7.27 17.88
CA VAL A 227 -8.33 6.29 17.57
C VAL A 227 -9.04 4.98 17.22
N LEU A 228 -8.73 4.47 16.03
CA LEU A 228 -9.42 3.30 15.50
C LEU A 228 -9.26 2.06 16.37
N LEU A 229 -8.04 1.81 16.85
CA LEU A 229 -7.75 0.67 17.72
C LEU A 229 -8.47 0.74 19.07
N GLU A 230 -8.96 1.94 19.41
CA GLU A 230 -9.63 2.18 20.68
C GLU A 230 -11.15 2.23 20.53
N GLU A 231 -11.65 1.97 19.32
CA GLU A 231 -13.09 1.94 19.06
C GLU A 231 -13.79 0.85 19.89
N PRO A 232 -14.80 1.24 20.69
CA PRO A 232 -15.54 0.31 21.57
C PRO A 232 -16.11 -0.95 20.90
N VAL A 233 -16.65 -0.84 19.69
CA VAL A 233 -17.17 -2.01 18.98
C VAL A 233 -16.04 -2.99 18.65
N VAL A 234 -14.91 -2.44 18.21
CA VAL A 234 -13.72 -3.22 17.89
C VAL A 234 -13.21 -3.95 19.14
N GLN A 235 -13.10 -3.21 20.25
CA GLN A 235 -12.66 -3.80 21.52
C GLN A 235 -13.62 -4.87 22.03
N ALA A 236 -14.92 -4.64 21.85
CA ALA A 236 -15.93 -5.64 22.18
C ALA A 236 -15.73 -6.95 21.39
N LEU A 237 -15.52 -6.84 20.08
CA LEU A 237 -15.26 -8.01 19.25
C LEU A 237 -13.93 -8.69 19.58
N ALA A 238 -12.95 -7.89 19.99
CA ALA A 238 -11.64 -8.41 20.37
C ALA A 238 -11.77 -9.30 21.60
N GLU A 239 -12.55 -8.85 22.58
CA GLU A 239 -12.85 -9.63 23.78
C GLU A 239 -13.58 -10.92 23.43
N LYS A 240 -14.63 -10.80 22.61
CA LYS A 240 -15.47 -11.92 22.22
C LYS A 240 -14.68 -13.04 21.54
N TYR A 241 -13.75 -12.67 20.65
CA TYR A 241 -12.98 -13.63 19.87
C TYR A 241 -11.61 -13.98 20.45
N ASN A 242 -11.29 -13.40 21.60
CA ASN A 242 -9.98 -13.59 22.23
C ASN A 242 -8.86 -13.20 21.25
N ARG A 243 -9.06 -12.07 20.56
CA ARG A 243 -8.08 -11.56 19.59
C ARG A 243 -7.74 -10.11 19.94
N SER A 244 -6.70 -9.57 19.30
CA SER A 244 -6.35 -8.17 19.50
C SER A 244 -7.24 -7.27 18.64
N PRO A 245 -7.43 -6.01 19.05
CA PRO A 245 -8.20 -5.07 18.20
C PRO A 245 -7.65 -4.97 16.78
N ALA A 246 -6.33 -5.01 16.62
CA ALA A 246 -5.72 -4.97 15.28
C ALA A 246 -6.18 -6.17 14.43
N GLN A 247 -6.27 -7.34 15.06
CA GLN A 247 -6.72 -8.54 14.35
C GLN A 247 -8.19 -8.41 13.92
N ILE A 248 -8.98 -7.70 14.72
CA ILE A 248 -10.38 -7.42 14.36
C ILE A 248 -10.46 -6.54 13.10
N LEU A 249 -9.69 -5.46 13.11
CA LEU A 249 -9.63 -4.54 11.97
C LEU A 249 -9.16 -5.24 10.71
N LEU A 250 -8.17 -6.11 10.85
CA LEU A 250 -7.62 -6.83 9.71
C LEU A 250 -8.56 -7.90 9.20
N ARG A 251 -9.21 -8.62 10.12
CA ARG A 251 -10.17 -9.66 9.75
C ARG A 251 -11.31 -9.08 8.93
N TRP A 252 -11.85 -7.95 9.39
CA TRP A 252 -12.92 -7.26 8.69
C TRP A 252 -12.57 -7.07 7.22
N GLN A 253 -11.34 -6.65 6.96
CA GLN A 253 -10.90 -6.40 5.60
C GLN A 253 -10.75 -7.69 4.80
N VAL A 254 -10.00 -8.66 5.33
CA VAL A 254 -9.76 -9.87 4.55
C VAL A 254 -11.06 -10.69 4.34
N GLN A 255 -12.03 -10.52 5.24
CA GLN A 255 -13.35 -11.13 5.06
C GLN A 255 -14.11 -10.48 3.89
N ARG A 256 -13.84 -9.20 3.65
CA ARG A 256 -14.36 -8.45 2.50
C ARG A 256 -13.52 -8.72 1.24
N LYS A 257 -12.48 -9.53 1.39
CA LYS A 257 -11.51 -9.82 0.33
C LYS A 257 -10.73 -8.56 -0.10
N VAL A 258 -10.46 -7.70 0.87
CA VAL A 258 -9.59 -6.54 0.67
C VAL A 258 -8.22 -6.89 1.26
N ILE A 259 -7.20 -6.71 0.42
CA ILE A 259 -5.80 -6.95 0.79
C ILE A 259 -5.37 -5.90 1.81
N CYS A 260 -4.67 -6.32 2.86
CA CYS A 260 -4.22 -5.37 3.89
C CYS A 260 -2.73 -5.40 4.03
N ILE A 261 -2.12 -4.24 4.24
CA ILE A 261 -0.67 -4.18 4.41
C ILE A 261 -0.26 -3.49 5.74
N PRO A 262 -0.64 -4.09 6.89
CA PRO A 262 -0.31 -3.47 8.18
C PRO A 262 1.19 -3.40 8.36
N LYS A 263 1.66 -2.28 8.90
CA LYS A 263 3.08 -2.11 9.15
C LYS A 263 3.35 -2.40 10.61
N SER A 264 4.36 -3.21 10.86
CA SER A 264 4.89 -3.38 12.20
C SER A 264 6.34 -3.78 12.14
N VAL A 265 7.09 -3.37 13.17
CA VAL A 265 8.44 -3.86 13.40
C VAL A 265 8.48 -4.79 14.63
N THR A 266 7.34 -4.94 15.30
CA THR A 266 7.23 -5.71 16.54
C THR A 266 6.90 -7.16 16.17
N PRO A 267 7.83 -8.11 16.47
CA PRO A 267 7.61 -9.49 16.04
C PRO A 267 6.27 -10.09 16.46
N SER A 268 5.83 -9.82 17.69
CA SER A 268 4.56 -10.38 18.17
C SER A 268 3.37 -9.84 17.38
N ARG A 269 3.45 -8.56 17.01
CA ARG A 269 2.43 -7.92 16.17
C ARG A 269 2.50 -8.36 14.70
N ILE A 270 3.71 -8.46 14.15
CA ILE A 270 3.87 -9.03 12.82
C ILE A 270 3.18 -10.40 12.73
N LEU A 271 3.39 -11.23 13.76
CA LEU A 271 2.77 -12.56 13.78
C LEU A 271 1.25 -12.49 13.89
N GLN A 272 0.73 -11.73 14.86
CA GLN A 272 -0.71 -11.64 15.02
CA GLN A 272 -0.71 -11.51 15.06
C GLN A 272 -1.40 -11.05 13.78
N ASN A 273 -0.74 -10.11 13.10
CA ASN A 273 -1.32 -9.44 11.93
C ASN A 273 -1.62 -10.36 10.76
N ILE A 274 -0.88 -11.46 10.66
CA ILE A 274 -1.11 -12.43 9.58
C ILE A 274 -2.03 -13.59 10.01
N GLN A 275 -2.29 -13.69 11.33
CA GLN A 275 -3.16 -14.73 11.89
C GLN A 275 -4.60 -14.24 11.95
N VAL A 276 -5.17 -14.01 10.78
CA VAL A 276 -6.52 -13.48 10.67
C VAL A 276 -7.37 -14.34 9.74
N PHE A 277 -6.96 -15.59 9.54
CA PHE A 277 -7.66 -16.50 8.62
C PHE A 277 -8.24 -17.75 9.33
N ASP A 278 -8.29 -17.70 10.66
CA ASP A 278 -8.77 -18.83 11.47
C ASP A 278 -10.06 -18.53 12.24
N PHE A 279 -10.64 -17.36 12.02
CA PHE A 279 -11.94 -17.02 12.61
C PHE A 279 -12.73 -16.19 11.60
N THR A 280 -14.05 -16.10 11.79
CA THR A 280 -14.96 -15.44 10.87
C THR A 280 -15.99 -14.62 11.63
N PHE A 281 -16.29 -13.42 11.15
CA PHE A 281 -17.36 -12.62 11.74
C PHE A 281 -18.72 -13.01 11.18
N SER A 282 -19.74 -12.98 12.04
CA SER A 282 -21.12 -13.19 11.62
C SER A 282 -21.61 -12.01 10.77
N PRO A 283 -22.68 -12.21 9.98
CA PRO A 283 -23.31 -11.09 9.25
C PRO A 283 -23.73 -9.94 10.12
N GLU A 284 -24.11 -10.17 11.38
CA GLU A 284 -24.44 -9.10 12.29
C GLU A 284 -23.17 -8.35 12.75
N GLU A 285 -22.10 -9.08 13.01
CA GLU A 285 -20.83 -8.47 13.40
C GLU A 285 -20.21 -7.65 12.28
N MET A 286 -20.32 -8.13 11.04
CA MET A 286 -19.86 -7.36 9.89
C MET A 286 -20.65 -6.05 9.77
N LYS A 287 -21.97 -6.14 9.97
CA LYS A 287 -22.85 -4.96 9.94
C LYS A 287 -22.46 -3.92 10.99
N GLN A 288 -22.08 -4.40 12.18
CA GLN A 288 -21.62 -3.53 13.26
C GLN A 288 -20.34 -2.75 12.91
N LEU A 289 -19.43 -3.42 12.22
CA LEU A 289 -18.20 -2.77 11.78
C LEU A 289 -18.45 -1.87 10.58
N ASP A 290 -19.39 -2.28 9.72
CA ASP A 290 -19.83 -1.47 8.58
C ASP A 290 -20.49 -0.15 9.00
N ALA A 291 -21.13 -0.16 10.16
CA ALA A 291 -21.82 1.02 10.69
C ALA A 291 -20.85 2.11 11.18
N LEU A 292 -19.57 1.75 11.34
CA LEU A 292 -18.56 2.66 11.88
C LEU A 292 -18.09 3.70 10.85
N ASN A 293 -18.45 3.48 9.59
CA ASN A 293 -18.02 4.33 8.49
C ASN A 293 -18.38 5.79 8.74
N LYS A 294 -17.37 6.64 8.68
CA LYS A 294 -17.61 8.05 8.92
C LYS A 294 -16.88 9.05 8.01
N ASN A 295 -16.36 8.61 6.90
CA ASN A 295 -15.63 9.46 5.97
C ASN A 295 -14.47 10.19 6.68
N LEU A 296 -13.75 9.45 7.52
CA LEU A 296 -12.63 10.01 8.24
C LEU A 296 -11.33 9.49 7.66
N ARG A 297 -10.63 10.38 6.98
CA ARG A 297 -9.35 10.08 6.32
C ARG A 297 -8.19 10.53 7.21
N PHE A 298 -7.30 9.59 7.56
CA PHE A 298 -6.14 9.88 8.40
C PHE A 298 -4.93 10.38 7.61
N ILE A 299 -4.77 9.85 6.39
CA ILE A 299 -3.55 10.08 5.60
C ILE A 299 -3.78 11.11 4.50
N VAL A 300 -3.35 12.33 4.79
CA VAL A 300 -3.49 13.48 3.90
C VAL A 300 -2.15 14.23 3.92
N PRO A 301 -1.59 14.56 2.75
CA PRO A 301 -0.38 15.39 2.70
C PRO A 301 -0.60 16.74 3.39
N MET A 302 0.29 17.06 4.35
CA MET A 302 0.14 18.26 5.19
C MET A 302 1.37 19.16 5.14
N LEU A 303 1.18 20.44 5.43
CA LEU A 303 2.31 21.36 5.60
C LEU A 303 2.14 22.25 6.84
N THR A 304 3.27 22.79 7.30
CA THR A 304 3.40 23.73 8.43
C THR A 304 2.11 24.14 9.16
N ARG A 309 -3.54 21.56 10.92
CA ARG A 309 -3.45 22.11 9.55
C ARG A 309 -2.00 22.12 9.06
N VAL A 310 -1.78 22.28 7.76
CA VAL A 310 -2.82 22.52 6.73
C VAL A 310 -2.58 21.56 5.56
N PRO A 311 -3.66 21.05 4.92
CA PRO A 311 -3.52 20.26 3.70
C PRO A 311 -2.60 20.92 2.67
N ARG A 312 -1.60 20.18 2.20
CA ARG A 312 -0.58 20.71 1.33
C ARG A 312 -0.99 20.69 -0.15
N ASP A 313 -1.53 19.54 -0.59
CA ASP A 313 -1.79 19.31 -2.00
C ASP A 313 -3.26 19.43 -2.35
N ALA A 314 -4.10 19.62 -1.32
CA ALA A 314 -5.55 19.57 -1.43
C ALA A 314 -6.16 20.57 -2.42
N GLY A 315 -5.40 21.61 -2.76
CA GLY A 315 -5.83 22.61 -3.72
C GLY A 315 -5.45 22.29 -5.16
N HIS A 316 -4.63 21.27 -5.37
CA HIS A 316 -4.18 20.86 -6.71
C HIS A 316 -5.36 20.29 -7.52
N PRO A 317 -5.48 20.69 -8.81
CA PRO A 317 -6.51 20.15 -9.72
C PRO A 317 -6.54 18.61 -9.87
N LEU A 318 -5.38 17.97 -9.80
CA LEU A 318 -5.32 16.50 -9.88
C LEU A 318 -5.27 15.79 -8.53
N TYR A 319 -5.62 16.52 -7.46
CA TYR A 319 -5.74 15.94 -6.12
C TYR A 319 -6.88 14.92 -6.10
N PRO A 320 -6.61 13.68 -5.65
CA PRO A 320 -7.58 12.60 -5.80
C PRO A 320 -8.77 12.65 -4.84
N PHE A 321 -8.63 13.33 -3.71
CA PHE A 321 -9.61 13.20 -2.64
C PHE A 321 -10.84 14.11 -2.77
N ASN A 322 -10.74 15.15 -3.59
CA ASN A 322 -11.83 16.13 -3.74
C ASN A 322 -13.16 15.62 -4.30
N ASP A 323 -13.09 14.61 -5.17
CA ASP A 323 -14.29 13.89 -5.61
C ASP A 323 -14.94 13.18 -4.44
N PRO A 324 -16.25 12.85 -4.54
CA PRO A 324 -16.94 12.19 -3.42
C PRO A 324 -16.35 10.81 -3.09
S SO4 B . -10.99 -16.80 4.94
O1 SO4 B . -10.02 -16.34 5.94
O2 SO4 B . -11.52 -18.10 5.37
O3 SO4 B . -10.32 -16.95 3.66
O4 SO4 B . -12.09 -15.85 4.83
PA NAP C . -0.82 0.97 9.94
O1A NAP C . -2.28 1.10 9.90
O2A NAP C . -0.27 -0.27 9.38
O5B NAP C . -0.34 1.15 11.47
C5B NAP C . 1.03 1.10 11.78
C4B NAP C . 1.16 1.35 13.28
O4B NAP C . 0.42 0.37 13.99
C3B NAP C . 2.59 1.21 13.78
O3B NAP C . 2.73 2.22 14.77
C2B NAP C . 2.66 -0.14 14.43
O2B NAP C . 3.56 -0.09 15.53
C1B NAP C . 1.23 -0.35 14.90
N9A NAP C . 0.81 -1.77 14.90
C8A NAP C . 1.07 -2.73 13.96
N7A NAP C . 0.47 -3.88 14.34
C5A NAP C . -0.15 -3.67 15.52
C6A NAP C . -0.88 -4.49 16.36
N6A NAP C . -1.08 -5.77 16.02
N1A NAP C . -1.43 -3.97 17.52
C2A NAP C . -1.23 -2.64 17.86
N3A NAP C . -0.48 -1.83 17.04
C4A NAP C . 0.04 -2.33 15.89
O3 NAP C . -0.17 2.31 9.28
PN NAP C . 0.70 2.64 7.98
O1N NAP C . 2.08 2.18 8.18
O2N NAP C . 0.42 4.08 7.70
O5D NAP C . 0.02 1.82 6.78
C5D NAP C . 0.50 0.54 6.47
C4D NAP C . 1.33 0.55 5.21
O4D NAP C . 0.58 0.99 4.09
C3D NAP C . 2.53 1.48 5.21
O3D NAP C . 3.60 1.02 6.02
C2D NAP C . 2.84 1.56 3.73
O2D NAP C . 3.54 0.39 3.32
C1D NAP C . 1.44 1.58 3.14
N1N NAP C . 0.99 2.98 2.90
C2N NAP C . 0.90 3.39 1.60
C3N NAP C . 0.48 4.69 1.33
C7N NAP C . 0.30 5.13 -0.10
O7N NAP C . 0.15 6.50 -0.35
N7N NAP C . 0.25 4.22 -1.08
C4N NAP C . 0.15 5.57 2.36
C5N NAP C . 0.24 5.14 3.70
C6N NAP C . 0.66 3.83 3.94
P2B NAP C . 4.96 -0.89 15.53
O1X NAP C . 5.61 -0.87 14.17
O2X NAP C . 5.89 -0.25 16.54
O3X NAP C . 4.67 -2.31 15.93
C2I FID D . 3.06 6.53 2.42
N4 FID D . 2.95 6.96 1.15
C5 FID D . 2.91 8.30 1.31
C7I FID D . 3.00 8.74 2.74
C12 FID D . 4.28 9.49 2.99
C13 FID D . 5.50 8.83 2.93
C14 FID D . 6.70 9.50 3.15
F17 FID D . 7.87 8.82 3.09
C15 FID D . 6.67 10.86 3.44
C16 FID D . 5.46 11.54 3.50
C11 FID D . 4.26 10.85 3.28
O10 FID D . 3.06 11.55 3.35
C9 FID D . 1.83 10.99 2.85
C19 FID D . 0.64 11.71 3.41
N21 FID D . 0.73 12.33 4.59
O20 FID D . -0.41 11.71 2.78
C8I FID D . 1.78 9.51 3.23
N1I FID D . 3.08 7.44 3.42
O6I FID D . 2.81 9.12 0.34
O3I FID D . 3.14 5.28 2.69
#